data_9GEY
#
_entry.id   9GEY
#
_cell.length_a   28.363
_cell.length_b   45.273
_cell.length_c   50.073
_cell.angle_alpha   98.09
_cell.angle_beta   105.54
_cell.angle_gamma   90.05
#
_symmetry.space_group_name_H-M   'P 1'
#
loop_
_entity.id
_entity.type
_entity.pdbx_description
1 polymer CREBBP
2 non-polymer (R,E)-2-methyl-1,2,3,5,9,10,11,12,18,19,22,23-dodecahydro-17H,21H-14,16-etheno-7,26-(metheno)[1,4]diazepino[2,3-l]pyrido[2,1-d][1]oxa[5,17]diazacycloicosine-4,8-dione
3 non-polymer 1,2-ETHANEDIOL
4 water water
#
_entity_poly.entity_id   1
_entity_poly.type   'polypeptide(L)'
_entity_poly.pdbx_seq_one_letter_code
;SMRKKIFKPEELRQALMPTLEALYRQDPESLPFRQPVDPQLLGIPDYFDIVKNPMDLSTIKRKLDTGQYQEPWQYVDDVW
LMFNNAWLYNRKTSRVYKFCSKLAEVFEQEIDPVMQSLG
;
_entity_poly.pdbx_strand_id   A,B
#
loop_
_chem_comp.id
_chem_comp.type
_chem_comp.name
_chem_comp.formula
A1IKK non-polymer (R,E)-2-methyl-1,2,3,5,9,10,11,12,18,19,22,23-dodecahydro-17H,21H-14,16-etheno-7,26-(metheno)[1,4]diazepino[2,3-l]pyrido[2,1-d][1]oxa[5,17]diazacycloicosine-4,8-dione 'C28 H36 N4 O3'
EDO non-polymer 1,2-ETHANEDIOL 'C2 H6 O2'
#
# COMPACT_ATOMS: atom_id res chain seq x y z
N LYS A 5 -18.14 -7.96 17.10
CA LYS A 5 -18.24 -7.45 15.74
C LYS A 5 -16.87 -7.41 15.09
N ILE A 6 -16.66 -8.27 14.10
CA ILE A 6 -15.40 -8.32 13.36
C ILE A 6 -15.64 -7.67 12.00
N PHE A 7 -14.79 -6.70 11.64
CA PHE A 7 -14.91 -6.02 10.36
C PHE A 7 -13.93 -6.63 9.38
N LYS A 8 -14.45 -7.09 8.27
CA LYS A 8 -13.59 -7.63 7.25
C LYS A 8 -13.01 -6.50 6.40
N PRO A 9 -11.84 -6.71 5.81
CA PRO A 9 -11.20 -5.60 5.08
C PRO A 9 -12.05 -5.07 3.94
N GLU A 10 -12.74 -5.94 3.21
CA GLU A 10 -13.54 -5.41 2.10
C GLU A 10 -14.70 -4.59 2.62
N GLU A 11 -15.29 -4.98 3.74
CA GLU A 11 -16.40 -4.20 4.30
C GLU A 11 -15.94 -2.81 4.74
N LEU A 12 -14.78 -2.71 5.36
CA LEU A 12 -14.24 -1.40 5.71
C LEU A 12 -13.90 -0.57 4.48
N ARG A 13 -13.33 -1.18 3.44
CA ARG A 13 -13.03 -0.43 2.22
C ARG A 13 -14.30 0.12 1.59
N GLN A 14 -15.37 -0.70 1.56
CA GLN A 14 -16.59 -0.25 0.89
C GLN A 14 -17.22 0.92 1.64
N ALA A 15 -17.19 0.89 2.97
CA ALA A 15 -17.83 1.94 3.75
C ALA A 15 -16.97 3.20 3.81
N LEU A 16 -15.66 3.05 4.00
CA LEU A 16 -14.82 4.20 4.33
C LEU A 16 -14.10 4.80 3.13
N MET A 17 -13.82 4.03 2.08
CA MET A 17 -13.07 4.63 0.96
C MET A 17 -13.77 5.83 0.35
N PRO A 18 -15.12 5.88 0.22
CA PRO A 18 -15.73 7.10 -0.31
C PRO A 18 -15.42 8.35 0.51
N THR A 19 -15.19 8.21 1.83
CA THR A 19 -14.90 9.39 2.63
C THR A 19 -13.48 9.88 2.40
N LEU A 20 -12.57 8.97 2.04
CA LEU A 20 -11.22 9.36 1.68
C LEU A 20 -11.20 9.93 0.28
N GLU A 21 -11.96 9.33 -0.65
CA GLU A 21 -12.03 9.90 -1.99
C GLU A 21 -12.59 11.32 -1.96
N ALA A 22 -13.48 11.62 -1.01
CA ALA A 22 -14.01 12.98 -0.94
C ALA A 22 -12.91 13.99 -0.67
N LEU A 23 -11.86 13.57 0.06
CA LEU A 23 -10.77 14.50 0.35
C LEU A 23 -9.87 14.68 -0.85
N TYR A 24 -9.53 13.56 -1.54
CA TYR A 24 -8.77 13.63 -2.80
C TYR A 24 -9.47 14.54 -3.80
N ARG A 25 -10.80 14.53 -3.81
CA ARG A 25 -11.54 15.34 -4.79
C ARG A 25 -11.54 16.83 -4.48
N GLN A 26 -10.99 17.27 -3.35
CA GLN A 26 -10.82 18.70 -3.08
C GLN A 26 -9.54 19.15 -3.78
N ASP A 27 -9.69 19.97 -4.81
CA ASP A 27 -8.56 20.38 -5.61
C ASP A 27 -8.62 21.91 -5.63
N PRO A 28 -7.58 22.61 -5.17
CA PRO A 28 -6.21 22.18 -4.85
C PRO A 28 -5.99 21.82 -3.38
N GLU A 29 -7.02 21.80 -2.54
CA GLU A 29 -6.76 21.72 -1.09
C GLU A 29 -6.15 20.39 -0.67
N SER A 30 -6.39 19.30 -1.40
CA SER A 30 -5.76 18.03 -1.02
C SER A 30 -4.31 17.93 -1.47
N LEU A 31 -3.83 18.80 -2.36
CA LEU A 31 -2.52 18.60 -2.95
C LEU A 31 -1.40 18.48 -1.91
N PRO A 32 -1.32 19.29 -0.87
CA PRO A 32 -0.21 19.12 0.10
C PRO A 32 -0.23 17.80 0.82
N PHE A 33 -1.34 17.08 0.78
CA PHE A 33 -1.59 15.92 1.63
C PHE A 33 -1.58 14.62 0.83
N ARG A 34 -1.30 14.66 -0.47
CA ARG A 34 -1.47 13.48 -1.30
C ARG A 34 -0.29 12.52 -1.27
N GLN A 35 0.82 12.90 -0.64
CA GLN A 35 2.01 12.06 -0.59
C GLN A 35 2.70 12.28 0.75
N PRO A 36 3.54 11.34 1.18
CA PRO A 36 4.22 11.52 2.47
C PRO A 36 5.03 12.80 2.50
N VAL A 37 5.10 13.39 3.70
CA VAL A 37 5.93 14.59 3.85
C VAL A 37 7.40 14.28 3.59
N ASP A 38 8.03 15.10 2.76
CA ASP A 38 9.47 15.03 2.50
C ASP A 38 10.01 16.42 2.84
N PRO A 39 10.62 16.59 4.00
CA PRO A 39 10.98 17.95 4.45
C PRO A 39 12.05 18.59 3.57
N GLN A 40 12.89 17.80 2.93
CA GLN A 40 13.91 18.40 2.07
C GLN A 40 13.27 19.00 0.83
N LEU A 41 12.39 18.25 0.15
CA LEU A 41 11.73 18.82 -1.04
C LEU A 41 10.82 19.99 -0.68
N LEU A 42 10.10 19.88 0.46
CA LEU A 42 9.16 20.93 0.85
C LEU A 42 9.83 22.10 1.56
N GLY A 43 11.12 22.03 1.86
CA GLY A 43 11.79 23.20 2.40
C GLY A 43 11.45 23.46 3.86
N ILE A 44 11.20 22.39 4.62
CA ILE A 44 10.81 22.50 6.03
C ILE A 44 11.72 21.62 6.87
N PRO A 45 13.01 21.95 6.96
CA PRO A 45 13.95 21.01 7.59
C PRO A 45 13.65 20.63 9.05
N ASP A 46 12.95 21.47 9.81
CA ASP A 46 12.64 21.19 11.22
C ASP A 46 11.38 20.34 11.40
N TYR A 47 10.79 19.86 10.30
CA TYR A 47 9.46 19.26 10.42
C TYR A 47 9.43 18.13 11.46
N PHE A 48 10.39 17.19 11.39
CA PHE A 48 10.33 16.02 12.26
C PHE A 48 10.85 16.32 13.68
N ASP A 49 11.34 17.53 13.95
CA ASP A 49 11.51 17.95 15.34
C ASP A 49 10.14 18.17 16.00
N ILE A 50 9.15 18.55 15.21
CA ILE A 50 7.81 18.91 15.70
C ILE A 50 6.82 17.76 15.56
N VAL A 51 6.80 17.13 14.38
CA VAL A 51 5.88 16.05 14.04
C VAL A 51 6.63 14.73 14.13
N LYS A 52 6.19 13.86 15.04
N LYS A 52 6.19 13.85 15.03
CA LYS A 52 6.85 12.57 15.21
CA LYS A 52 6.86 12.57 15.20
C LYS A 52 6.13 11.43 14.50
C LYS A 52 6.14 11.43 14.50
N ASN A 53 4.86 11.58 14.19
CA ASN A 53 4.05 10.52 13.59
C ASN A 53 3.36 11.04 12.32
N PRO A 54 4.09 11.11 11.21
CA PRO A 54 3.53 11.70 10.00
C PRO A 54 2.47 10.81 9.38
N MET A 55 1.52 11.46 8.69
CA MET A 55 0.44 10.73 8.04
C MET A 55 0.01 11.54 6.82
N ASP A 56 -0.40 10.85 5.75
CA ASP A 56 -0.86 11.50 4.52
C ASP A 56 -1.90 10.64 3.84
N LEU A 57 -2.55 11.21 2.80
CA LEU A 57 -3.66 10.54 2.15
C LEU A 57 -3.23 9.23 1.50
N SER A 58 -2.07 9.20 0.90
CA SER A 58 -1.69 7.96 0.21
C SER A 58 -1.39 6.84 1.19
N THR A 59 -0.87 7.17 2.38
CA THR A 59 -0.62 6.14 3.38
C THR A 59 -1.95 5.59 3.90
N ILE A 60 -2.92 6.46 4.22
CA ILE A 60 -4.24 6.00 4.61
C ILE A 60 -4.86 5.13 3.53
N LYS A 61 -4.76 5.55 2.26
CA LYS A 61 -5.35 4.78 1.17
C LYS A 61 -4.71 3.42 1.07
N ARG A 62 -3.38 3.36 1.22
CA ARG A 62 -2.73 2.03 1.20
C ARG A 62 -3.25 1.16 2.35
N LYS A 63 -3.41 1.74 3.54
CA LYS A 63 -3.87 0.92 4.66
C LYS A 63 -5.25 0.38 4.38
N LEU A 64 -6.14 1.21 3.82
CA LEU A 64 -7.47 0.71 3.49
CA LEU A 64 -7.47 0.71 3.48
C LEU A 64 -7.40 -0.33 2.38
N ASP A 65 -6.54 -0.09 1.37
CA ASP A 65 -6.47 -0.98 0.23
C ASP A 65 -5.95 -2.35 0.61
N THR A 66 -5.16 -2.42 1.69
CA THR A 66 -4.48 -3.65 2.07
C THR A 66 -5.01 -4.24 3.37
N GLY A 67 -6.07 -3.64 3.93
CA GLY A 67 -6.73 -4.21 5.10
C GLY A 67 -6.03 -4.03 6.42
N GLN A 68 -5.28 -2.93 6.62
CA GLN A 68 -4.54 -2.74 7.86
C GLN A 68 -5.35 -2.20 9.02
N TYR A 69 -6.58 -1.72 8.81
CA TYR A 69 -7.41 -1.29 9.92
C TYR A 69 -8.32 -2.46 10.31
N GLN A 70 -8.38 -2.72 11.61
CA GLN A 70 -9.34 -3.68 12.09
C GLN A 70 -10.68 -3.06 12.46
N GLU A 71 -10.72 -1.77 12.80
CA GLU A 71 -11.94 -1.11 13.29
C GLU A 71 -12.03 0.25 12.64
N PRO A 72 -13.26 0.75 12.38
CA PRO A 72 -13.41 2.07 11.75
C PRO A 72 -12.73 3.22 12.48
N TRP A 73 -12.71 3.18 13.81
CA TRP A 73 -12.09 4.28 14.55
C TRP A 73 -10.60 4.42 14.25
N GLN A 74 -9.93 3.32 13.90
CA GLN A 74 -8.50 3.41 13.58
C GLN A 74 -8.28 4.25 12.33
N TYR A 75 -9.18 4.10 11.35
CA TYR A 75 -9.08 4.92 10.14
C TYR A 75 -9.35 6.38 10.48
N VAL A 76 -10.42 6.64 11.25
CA VAL A 76 -10.73 8.01 11.65
C VAL A 76 -9.57 8.65 12.37
N ASP A 77 -8.93 7.91 13.27
CA ASP A 77 -7.78 8.45 14.00
C ASP A 77 -6.64 8.84 13.07
N ASP A 78 -6.39 8.05 12.00
CA ASP A 78 -5.32 8.42 11.06
C ASP A 78 -5.67 9.69 10.29
N VAL A 79 -6.94 9.87 9.90
CA VAL A 79 -7.31 11.09 9.19
C VAL A 79 -7.11 12.30 10.10
N TRP A 80 -7.56 12.20 11.38
CA TRP A 80 -7.36 13.35 12.28
C TRP A 80 -5.88 13.57 12.60
N LEU A 81 -5.06 12.52 12.60
CA LEU A 81 -3.63 12.66 12.80
C LEU A 81 -3.01 13.50 11.69
N MET A 82 -3.38 13.19 10.44
CA MET A 82 -2.97 14.01 9.31
C MET A 82 -3.33 15.48 9.50
N PHE A 83 -4.58 15.74 9.93
CA PHE A 83 -5.00 17.14 10.09
C PHE A 83 -4.29 17.79 11.29
N ASN A 84 -4.26 17.10 12.42
CA ASN A 84 -3.65 17.70 13.60
C ASN A 84 -2.17 18.01 13.37
N ASN A 85 -1.48 17.16 12.63
CA ASN A 85 -0.08 17.43 12.30
C ASN A 85 0.05 18.74 11.52
N ALA A 86 -0.83 18.98 10.54
CA ALA A 86 -0.68 20.17 9.73
C ALA A 86 -1.07 21.43 10.52
N TRP A 87 -2.08 21.31 11.40
CA TRP A 87 -2.39 22.46 12.25
C TRP A 87 -1.30 22.73 13.29
N LEU A 88 -0.59 21.70 13.71
CA LEU A 88 0.53 21.86 14.65
C LEU A 88 1.69 22.61 14.00
N TYR A 89 2.08 22.16 12.81
CA TYR A 89 3.34 22.61 12.21
C TYR A 89 3.19 23.96 11.50
N ASN A 90 2.07 24.19 10.82
CA ASN A 90 1.97 25.33 9.93
C ASN A 90 1.40 26.56 10.63
N ARG A 91 1.75 27.75 10.15
CA ARG A 91 1.17 28.95 10.74
C ARG A 91 -0.29 29.12 10.34
N LYS A 92 -1.06 29.80 11.19
CA LYS A 92 -2.49 29.91 10.94
C LYS A 92 -2.78 30.70 9.67
N THR A 93 -1.84 31.56 9.28
CA THR A 93 -1.95 32.37 8.07
C THR A 93 -1.51 31.63 6.82
N SER A 94 -1.02 30.40 6.94
CA SER A 94 -0.40 29.72 5.82
C SER A 94 -1.44 28.99 4.98
N ARG A 95 -1.08 28.82 3.72
CA ARG A 95 -1.93 28.10 2.77
C ARG A 95 -2.16 26.66 3.22
N VAL A 96 -1.11 25.96 3.67
CA VAL A 96 -1.32 24.57 4.09
C VAL A 96 -2.28 24.48 5.28
N TYR A 97 -2.17 25.38 6.26
CA TYR A 97 -3.11 25.36 7.39
C TYR A 97 -4.53 25.60 6.91
N LYS A 98 -4.72 26.57 6.02
CA LYS A 98 -6.05 26.85 5.51
C LYS A 98 -6.61 25.70 4.67
N PHE A 99 -5.79 25.09 3.83
CA PHE A 99 -6.22 23.91 3.09
C PHE A 99 -6.59 22.77 4.04
N CYS A 100 -5.78 22.55 5.09
CA CYS A 100 -6.11 21.55 6.11
C CYS A 100 -7.51 21.78 6.66
N SER A 101 -7.82 23.04 7.02
CA SER A 101 -9.13 23.33 7.57
C SER A 101 -10.26 22.98 6.59
N LYS A 102 -10.07 23.25 5.29
CA LYS A 102 -11.12 22.91 4.33
C LYS A 102 -11.33 21.40 4.25
N LEU A 103 -10.24 20.63 4.23
CA LEU A 103 -10.39 19.16 4.19
C LEU A 103 -11.09 18.66 5.43
N ALA A 104 -10.78 19.24 6.60
CA ALA A 104 -11.40 18.77 7.83
C ALA A 104 -12.89 19.05 7.81
N GLU A 105 -13.31 20.16 7.22
CA GLU A 105 -14.72 20.47 7.08
C GLU A 105 -15.42 19.44 6.20
N VAL A 106 -14.81 19.11 5.07
CA VAL A 106 -15.35 18.08 4.19
C VAL A 106 -15.44 16.76 4.93
N PHE A 107 -14.35 16.37 5.60
CA PHE A 107 -14.34 15.07 6.27
C PHE A 107 -15.45 14.95 7.30
N GLU A 108 -15.64 16.00 8.10
CA GLU A 108 -16.67 15.91 9.14
C GLU A 108 -18.04 15.65 8.52
N GLN A 109 -18.33 16.27 7.38
CA GLN A 109 -19.62 16.07 6.73
CA GLN A 109 -19.63 16.06 6.74
C GLN A 109 -19.77 14.64 6.20
N GLU A 110 -18.70 14.10 5.60
CA GLU A 110 -18.82 12.78 4.98
C GLU A 110 -18.76 11.65 5.99
N ILE A 111 -18.03 11.82 7.10
CA ILE A 111 -17.77 10.67 7.97
C ILE A 111 -18.92 10.45 8.93
N ASP A 112 -19.72 11.48 9.21
CA ASP A 112 -20.75 11.31 10.22
C ASP A 112 -21.79 10.25 9.85
N PRO A 113 -22.44 10.28 8.68
CA PRO A 113 -23.39 9.19 8.35
C PRO A 113 -22.73 7.83 8.27
N VAL A 114 -21.46 7.77 7.83
CA VAL A 114 -20.81 6.48 7.66
C VAL A 114 -20.56 5.84 9.00
N MET A 115 -20.09 6.64 9.98
CA MET A 115 -19.83 6.06 11.28
C MET A 115 -21.12 5.68 11.99
N GLN A 116 -22.20 6.43 11.74
CA GLN A 116 -23.51 6.02 12.27
C GLN A 116 -23.91 4.65 11.72
N SER A 117 -23.57 4.37 10.45
CA SER A 117 -23.95 3.09 9.82
C SER A 117 -23.13 1.93 10.36
N LEU A 118 -21.87 2.18 10.73
CA LEU A 118 -20.95 1.16 11.25
C LEU A 118 -21.05 0.96 12.76
N GLY A 119 -21.81 1.77 13.47
CA GLY A 119 -21.71 1.83 14.93
C GLY A 119 -22.47 0.72 15.64
N LYS B 4 13.25 8.44 -22.79
CA LYS B 4 14.07 7.38 -23.34
C LYS B 4 13.21 6.28 -23.94
N LYS B 5 13.55 5.03 -23.66
CA LYS B 5 12.73 3.91 -24.08
C LYS B 5 11.39 3.92 -23.34
N ILE B 6 10.29 3.82 -24.09
CA ILE B 6 8.97 3.63 -23.52
C ILE B 6 8.59 2.16 -23.65
N PHE B 7 8.22 1.54 -22.53
CA PHE B 7 7.70 0.18 -22.50
C PHE B 7 6.17 0.22 -22.57
N LYS B 8 5.61 -0.39 -23.62
CA LYS B 8 4.17 -0.50 -23.73
C LYS B 8 3.64 -1.52 -22.72
N PRO B 9 2.45 -1.29 -22.20
CA PRO B 9 1.92 -2.27 -21.22
C PRO B 9 1.84 -3.68 -21.77
N GLU B 10 1.44 -3.86 -23.03
CA GLU B 10 1.42 -5.22 -23.57
C GLU B 10 2.82 -5.81 -23.72
N GLU B 11 3.84 -4.99 -24.01
CA GLU B 11 5.20 -5.51 -24.08
C GLU B 11 5.65 -6.04 -22.74
N LEU B 12 5.39 -5.28 -21.68
CA LEU B 12 5.75 -5.74 -20.33
C LEU B 12 4.99 -7.00 -19.95
N ARG B 13 3.68 -7.08 -20.27
CA ARG B 13 2.91 -8.29 -19.94
C ARG B 13 3.51 -9.50 -20.65
N GLN B 14 3.81 -9.38 -21.93
N GLN B 14 3.81 -9.38 -21.93
CA GLN B 14 4.29 -10.53 -22.68
CA GLN B 14 4.29 -10.54 -22.67
C GLN B 14 5.67 -10.98 -22.23
C GLN B 14 5.67 -10.98 -22.20
N ALA B 15 6.52 -10.04 -21.80
CA ALA B 15 7.86 -10.41 -21.35
C ALA B 15 7.86 -10.89 -19.90
N LEU B 16 7.11 -10.22 -19.02
CA LEU B 16 7.22 -10.48 -17.59
C LEU B 16 6.18 -11.47 -17.04
N MET B 17 5.00 -11.57 -17.64
CA MET B 17 3.99 -12.46 -17.07
C MET B 17 4.49 -13.89 -16.98
N PRO B 18 5.26 -14.42 -17.95
CA PRO B 18 5.74 -15.80 -17.79
C PRO B 18 6.60 -16.03 -16.55
N THR B 19 7.36 -15.02 -16.08
CA THR B 19 8.14 -15.18 -14.85
C THR B 19 7.23 -15.24 -13.64
N LEU B 20 6.07 -14.57 -13.70
CA LEU B 20 5.12 -14.60 -12.60
C LEU B 20 4.37 -15.92 -12.59
N GLU B 21 3.95 -16.38 -13.77
CA GLU B 21 3.30 -17.67 -13.92
C GLU B 21 4.22 -18.82 -13.48
N ALA B 22 5.54 -18.68 -13.66
CA ALA B 22 6.46 -19.68 -13.11
C ALA B 22 6.34 -19.83 -11.60
N LEU B 23 6.07 -18.72 -10.90
CA LEU B 23 5.93 -18.79 -9.45
C LEU B 23 4.60 -19.41 -9.09
N TYR B 24 3.52 -19.02 -9.78
CA TYR B 24 2.21 -19.64 -9.56
C TYR B 24 2.29 -21.15 -9.74
N ARG B 25 3.06 -21.61 -10.73
N ARG B 25 3.05 -21.61 -10.73
CA ARG B 25 3.06 -23.02 -11.07
CA ARG B 25 3.05 -23.03 -11.06
C ARG B 25 3.96 -23.86 -10.17
C ARG B 25 3.88 -23.87 -10.10
N GLN B 26 4.59 -23.25 -9.16
CA GLN B 26 5.28 -23.98 -8.10
C GLN B 26 4.24 -24.52 -7.13
N ASP B 27 4.01 -25.82 -7.19
CA ASP B 27 2.90 -26.46 -6.49
C ASP B 27 3.48 -27.47 -5.53
N PRO B 28 3.27 -27.32 -4.19
CA PRO B 28 2.37 -26.40 -3.49
C PRO B 28 3.04 -25.17 -2.88
N GLU B 29 4.26 -24.86 -3.27
CA GLU B 29 5.01 -23.82 -2.57
C GLU B 29 4.42 -22.43 -2.80
N SER B 30 3.66 -22.23 -3.88
CA SER B 30 3.14 -20.88 -4.07
C SER B 30 1.91 -20.61 -3.21
N LEU B 31 1.31 -21.64 -2.60
CA LEU B 31 0.04 -21.43 -1.91
C LEU B 31 0.03 -20.25 -0.96
N PRO B 32 0.98 -20.09 -0.04
CA PRO B 32 0.88 -18.96 0.90
C PRO B 32 0.88 -17.59 0.24
N PHE B 33 1.31 -17.49 -1.03
CA PHE B 33 1.50 -16.19 -1.72
C PHE B 33 0.44 -15.85 -2.78
N ARG B 34 -0.61 -16.67 -2.92
CA ARG B 34 -1.51 -16.53 -4.06
C ARG B 34 -2.58 -15.48 -3.85
N GLN B 35 -2.77 -14.99 -2.63
CA GLN B 35 -3.84 -14.06 -2.36
C GLN B 35 -3.31 -12.99 -1.42
N PRO B 36 -3.96 -11.84 -1.37
CA PRO B 36 -3.50 -10.79 -0.47
C PRO B 36 -3.50 -11.27 0.96
N VAL B 37 -2.52 -10.81 1.74
CA VAL B 37 -2.45 -11.27 3.12
C VAL B 37 -3.64 -10.74 3.91
N ASP B 38 -4.35 -11.64 4.60
CA ASP B 38 -5.50 -11.33 5.44
C ASP B 38 -5.20 -11.86 6.84
N PRO B 39 -4.57 -11.07 7.72
CA PRO B 39 -4.06 -11.64 8.97
C PRO B 39 -5.14 -12.17 9.86
N GLN B 40 -6.29 -11.53 9.86
CA GLN B 40 -7.31 -12.04 10.77
C GLN B 40 -7.83 -13.39 10.29
N LEU B 41 -8.06 -13.54 8.98
CA LEU B 41 -8.51 -14.81 8.43
C LEU B 41 -7.42 -15.89 8.54
N LEU B 42 -6.16 -15.53 8.36
CA LEU B 42 -5.08 -16.52 8.52
C LEU B 42 -4.78 -16.84 9.98
N GLY B 43 -5.22 -16.00 10.92
CA GLY B 43 -4.89 -16.23 12.31
C GLY B 43 -3.49 -15.77 12.71
N ILE B 44 -2.95 -14.76 12.04
CA ILE B 44 -1.66 -14.17 12.39
C ILE B 44 -1.85 -12.68 12.69
N PRO B 45 -2.39 -12.31 13.84
CA PRO B 45 -2.83 -10.92 14.05
C PRO B 45 -1.73 -9.86 14.22
N ASP B 46 -0.45 -10.23 14.40
CA ASP B 46 0.64 -9.26 14.56
C ASP B 46 1.30 -8.89 13.23
N TYR B 47 0.73 -9.34 12.11
CA TYR B 47 1.43 -9.25 10.83
C TYR B 47 1.71 -7.80 10.45
N PHE B 48 0.72 -6.93 10.53
CA PHE B 48 0.96 -5.55 10.09
C PHE B 48 1.78 -4.73 11.08
N ASP B 49 2.06 -5.24 12.29
CA ASP B 49 3.05 -4.58 13.14
C ASP B 49 4.43 -4.65 12.51
N ILE B 50 4.65 -5.65 11.67
N ILE B 50 4.68 -5.67 11.71
CA ILE B 50 5.95 -6.00 11.12
CA ILE B 50 6.00 -5.90 11.11
C ILE B 50 6.06 -5.64 9.64
C ILE B 50 6.01 -5.48 9.64
N VAL B 51 4.99 -5.88 8.88
CA VAL B 51 4.93 -5.67 7.42
C VAL B 51 3.95 -4.54 7.13
N LYS B 52 4.46 -3.42 6.60
CA LYS B 52 3.62 -2.27 6.36
C LYS B 52 3.24 -2.12 4.89
N ASN B 53 3.97 -2.78 3.99
N ASN B 53 3.90 -2.87 4.01
CA ASN B 53 3.71 -2.74 2.54
CA ASN B 53 3.71 -2.74 2.56
C ASN B 53 3.57 -4.17 2.05
C ASN B 53 3.55 -4.15 2.01
N PRO B 54 2.42 -4.79 2.26
CA PRO B 54 2.25 -6.18 1.81
C PRO B 54 2.12 -6.30 0.29
N MET B 55 2.48 -7.49 -0.21
CA MET B 55 2.47 -7.78 -1.63
C MET B 55 2.31 -9.28 -1.82
N ASP B 56 1.64 -9.68 -2.91
CA ASP B 56 1.30 -11.08 -3.16
C ASP B 56 1.13 -11.26 -4.66
N LEU B 57 1.08 -12.54 -5.08
CA LEU B 57 1.07 -12.87 -6.49
C LEU B 57 -0.14 -12.28 -7.21
N SER B 58 -1.31 -12.34 -6.60
CA SER B 58 -2.49 -11.82 -7.31
C SER B 58 -2.43 -10.32 -7.50
N THR B 59 -1.86 -9.60 -6.53
CA THR B 59 -1.74 -8.16 -6.68
C THR B 59 -0.75 -7.80 -7.78
N ILE B 60 0.37 -8.53 -7.85
CA ILE B 60 1.33 -8.27 -8.91
C ILE B 60 0.70 -8.57 -10.26
N LYS B 61 -0.06 -9.68 -10.32
CA LYS B 61 -0.70 -10.08 -11.58
C LYS B 61 -1.65 -9.00 -12.03
N ARG B 62 -2.45 -8.47 -11.10
CA ARG B 62 -3.39 -7.41 -11.47
C ARG B 62 -2.66 -6.17 -11.98
N LYS B 63 -1.55 -5.82 -11.36
CA LYS B 63 -0.78 -4.66 -11.83
C LYS B 63 -0.25 -4.88 -13.24
N LEU B 64 0.30 -6.07 -13.55
CA LEU B 64 0.74 -6.31 -14.92
CA LEU B 64 0.74 -6.33 -14.92
C LEU B 64 -0.45 -6.37 -15.88
N ASP B 65 -1.58 -6.95 -15.43
CA ASP B 65 -2.76 -7.07 -16.30
C ASP B 65 -3.37 -5.73 -16.66
N THR B 66 -3.15 -4.71 -15.82
CA THR B 66 -3.76 -3.40 -16.01
C THR B 66 -2.72 -2.31 -16.28
N GLY B 67 -1.47 -2.66 -16.57
CA GLY B 67 -0.54 -1.65 -17.06
C GLY B 67 0.01 -0.70 -16.02
N GLN B 68 0.07 -1.11 -14.76
CA GLN B 68 0.48 -0.20 -13.70
C GLN B 68 1.98 -0.07 -13.54
N TYR B 69 2.79 -0.88 -14.23
CA TYR B 69 4.25 -0.72 -14.22
C TYR B 69 4.70 0.03 -15.48
N GLN B 70 5.47 1.09 -15.28
CA GLN B 70 6.07 1.79 -16.41
C GLN B 70 7.34 1.12 -16.89
N GLU B 71 8.12 0.54 -15.98
CA GLU B 71 9.40 -0.05 -16.34
C GLU B 71 9.56 -1.40 -15.68
N PRO B 72 10.28 -2.33 -16.34
CA PRO B 72 10.43 -3.70 -15.79
C PRO B 72 10.94 -3.76 -14.36
N TRP B 73 11.82 -2.84 -13.97
CA TRP B 73 12.40 -2.91 -12.63
C TRP B 73 11.34 -2.72 -11.55
N GLN B 74 10.25 -2.01 -11.87
CA GLN B 74 9.18 -1.81 -10.90
C GLN B 74 8.45 -3.11 -10.60
N TYR B 75 8.27 -3.94 -11.63
CA TYR B 75 7.72 -5.27 -11.43
C TYR B 75 8.65 -6.11 -10.57
N VAL B 76 9.95 -6.08 -10.89
CA VAL B 76 10.93 -6.87 -10.16
C VAL B 76 10.95 -6.46 -8.68
N ASP B 77 10.88 -5.14 -8.42
CA ASP B 77 10.89 -4.68 -7.04
C ASP B 77 9.69 -5.20 -6.28
N ASP B 78 8.52 -5.30 -6.93
CA ASP B 78 7.33 -5.84 -6.23
C ASP B 78 7.50 -7.31 -5.90
N VAL B 79 8.10 -8.10 -6.80
CA VAL B 79 8.31 -9.51 -6.51
C VAL B 79 9.22 -9.67 -5.30
N TRP B 80 10.31 -8.90 -5.26
CA TRP B 80 11.23 -9.01 -4.12
C TRP B 80 10.60 -8.47 -2.84
N LEU B 81 9.71 -7.49 -2.96
CA LEU B 81 8.96 -7.04 -1.79
C LEU B 81 8.19 -8.19 -1.17
N MET B 82 7.47 -8.94 -2.01
CA MET B 82 6.71 -10.08 -1.50
C MET B 82 7.63 -11.08 -0.80
N PHE B 83 8.80 -11.35 -1.39
CA PHE B 83 9.72 -12.31 -0.77
C PHE B 83 10.34 -11.74 0.50
N ASN B 84 10.76 -10.49 0.47
CA ASN B 84 11.42 -9.95 1.65
C ASN B 84 10.45 -9.88 2.83
N ASN B 85 9.18 -9.54 2.57
CA ASN B 85 8.18 -9.54 3.63
C ASN B 85 8.06 -10.91 4.27
N ALA B 86 8.03 -11.97 3.45
CA ALA B 86 7.86 -13.30 4.00
C ALA B 86 9.09 -13.76 4.79
N TRP B 87 10.29 -13.40 4.35
CA TRP B 87 11.50 -13.74 5.11
C TRP B 87 11.56 -12.95 6.39
N LEU B 88 10.94 -11.76 6.42
CA LEU B 88 11.00 -10.91 7.61
C LEU B 88 10.02 -11.42 8.65
N TYR B 89 8.83 -11.80 8.21
CA TYR B 89 7.75 -12.07 9.16
C TYR B 89 7.81 -13.50 9.72
N ASN B 90 8.20 -14.46 8.89
CA ASN B 90 8.07 -15.88 9.24
C ASN B 90 9.36 -16.41 9.83
N ARG B 91 9.22 -17.35 10.76
CA ARG B 91 10.40 -18.01 11.32
C ARG B 91 11.01 -18.95 10.29
N LYS B 92 12.33 -19.16 10.38
CA LYS B 92 13.02 -20.04 9.44
C LYS B 92 12.47 -21.47 9.45
N THR B 93 11.80 -21.88 10.53
CA THR B 93 11.22 -23.20 10.64
C THR B 93 9.87 -23.34 9.93
N SER B 94 9.28 -22.23 9.49
CA SER B 94 7.96 -22.26 8.89
C SER B 94 8.02 -22.61 7.41
N ARG B 95 7.02 -23.37 6.96
CA ARG B 95 6.90 -23.65 5.52
C ARG B 95 6.88 -22.39 4.68
N VAL B 96 6.26 -21.31 5.19
CA VAL B 96 6.15 -20.11 4.38
C VAL B 96 7.55 -19.54 4.12
N TYR B 97 8.43 -19.60 5.11
CA TYR B 97 9.80 -19.13 4.90
C TYR B 97 10.52 -20.04 3.90
N LYS B 98 10.36 -21.36 4.05
CA LYS B 98 11.03 -22.29 3.14
C LYS B 98 10.48 -22.20 1.73
N PHE B 99 9.17 -22.05 1.60
CA PHE B 99 8.53 -21.90 0.29
C PHE B 99 8.97 -20.60 -0.37
N CYS B 100 9.09 -19.52 0.43
CA CYS B 100 9.59 -18.25 -0.09
C CYS B 100 10.95 -18.47 -0.72
N SER B 101 11.82 -19.18 -0.01
CA SER B 101 13.16 -19.40 -0.54
C SER B 101 13.13 -20.18 -1.85
N LYS B 102 12.24 -21.17 -1.96
CA LYS B 102 12.13 -21.91 -3.21
C LYS B 102 11.65 -21.03 -4.34
N LEU B 103 10.62 -20.21 -4.07
N LEU B 103 10.63 -20.22 -4.08
CA LEU B 103 10.10 -19.32 -5.09
CA LEU B 103 10.12 -19.36 -5.15
C LEU B 103 11.15 -18.32 -5.54
C LEU B 103 11.15 -18.31 -5.56
N ALA B 104 11.95 -17.81 -4.60
CA ALA B 104 12.97 -16.82 -4.95
C ALA B 104 14.06 -17.44 -5.83
N GLU B 105 14.36 -18.73 -5.63
CA GLU B 105 15.34 -19.37 -6.52
C GLU B 105 14.77 -19.55 -7.93
N VAL B 106 13.49 -19.93 -8.02
CA VAL B 106 12.83 -20.00 -9.32
C VAL B 106 12.85 -18.64 -10.00
N PHE B 107 12.49 -17.60 -9.27
CA PHE B 107 12.37 -16.26 -9.87
C PHE B 107 13.69 -15.81 -10.43
N GLU B 108 14.75 -15.96 -9.64
CA GLU B 108 16.08 -15.54 -10.08
C GLU B 108 16.43 -16.18 -11.42
N GLN B 109 16.10 -17.47 -11.58
CA GLN B 109 16.44 -18.14 -12.84
C GLN B 109 15.62 -17.58 -14.00
N GLU B 110 14.35 -17.27 -13.75
CA GLU B 110 13.43 -16.87 -14.80
C GLU B 110 13.65 -15.42 -15.22
N ILE B 111 13.98 -14.55 -14.26
CA ILE B 111 13.94 -13.11 -14.53
C ILE B 111 15.21 -12.64 -15.23
N ASP B 112 16.37 -13.29 -15.00
CA ASP B 112 17.63 -12.77 -15.54
C ASP B 112 17.62 -12.73 -17.05
N PRO B 113 17.27 -13.81 -17.77
CA PRO B 113 17.25 -13.70 -19.24
C PRO B 113 16.24 -12.72 -19.76
N VAL B 114 15.10 -12.61 -19.06
CA VAL B 114 14.08 -11.68 -19.51
C VAL B 114 14.57 -10.26 -19.34
N MET B 115 15.22 -9.96 -18.20
CA MET B 115 15.69 -8.59 -18.05
C MET B 115 16.80 -8.25 -19.03
N GLN B 116 17.58 -9.25 -19.44
CA GLN B 116 18.58 -9.01 -20.48
C GLN B 116 17.90 -8.59 -21.77
N SER B 117 16.78 -9.22 -22.11
CA SER B 117 16.08 -8.95 -23.37
C SER B 117 15.43 -7.57 -23.37
N LEU B 118 15.08 -7.04 -22.21
CA LEU B 118 14.41 -5.75 -22.08
C LEU B 118 15.37 -4.59 -21.89
N GLY B 119 16.66 -4.86 -21.66
CA GLY B 119 17.52 -3.82 -21.13
C GLY B 119 18.25 -3.10 -22.23
C10 A1IKK C . 6.54 24.02 -2.07
C12 A1IKK C . 8.24 26.54 0.03
C13 A1IKK C . 8.95 26.43 1.43
C14 A1IKK C . 8.04 26.31 2.62
C16 A1IKK C . 6.15 24.94 3.33
C18 A1IKK C . 5.28 23.73 3.34
C19 A1IKK C . 4.95 23.08 2.12
C20 A1IKK C . 4.09 21.95 2.18
C01 A1IKK C . 5.01 22.42 -5.19
C02 A1IKK C . 4.49 23.71 -5.85
C03 A1IKK C . 5.47 24.89 -5.68
C04 A1IKK C . 6.04 25.01 -4.24
C05 A1IKK C . 6.03 23.84 -3.37
C07 A1IKK C . 6.56 26.23 -3.75
C08 A1IKK C . 7.08 26.38 -2.44
C09 A1IKK C . 7.06 25.24 -1.59
C21 A1IKK C . 3.72 21.23 0.82
C22 A1IKK C . 3.09 22.01 -0.03
C23 A1IKK C . 2.45 21.81 -1.50
C24 A1IKK C . 3.29 22.39 -2.66
C25 A1IKK C . 4.70 21.83 -2.81
C26 A1IKK C . 3.56 21.39 3.37
C27 A1IKK C . 3.96 22.07 4.60
C28 A1IKK C . 4.75 23.22 4.52
C30 A1IKK C . 3.23 20.40 6.26
C32 A1IKK C . 3.71 19.25 5.42
C33 A1IKK C . 2.80 19.05 4.17
C35 A1IKK C . 1.40 18.69 4.66
N06 A1IKK C . 5.52 22.61 -3.76
N15 A1IKK C . 7.20 25.09 2.56
N29 A1IKK C . 3.41 21.67 5.82
N34 A1IKK C . 2.72 20.27 3.34
O11 A1IKK C . 7.56 25.32 -0.35
O17 A1IKK C . 5.86 25.81 4.19
O31 A1IKK C . 2.67 20.25 7.35
C1 EDO D . 0.73 8.69 -4.11
O1 EDO D . 0.44 10.07 -4.26
C2 EDO D . 2.05 8.52 -3.41
O2 EDO D . 2.05 9.20 -2.18
C10 A1IKK E . -2.99 -22.87 6.97
C12 A1IKK E . -0.85 -22.69 9.22
C13 A1IKK E . -0.20 -22.16 10.51
C14 A1IKK E . -0.45 -20.64 10.77
C16 A1IKK E . 0.77 -19.20 9.12
C18 A1IKK E . 0.87 -18.45 7.86
C19 A1IKK E . -0.01 -18.73 6.79
C20 A1IKK E . 0.16 -17.97 5.58
C01 A1IKK E . -4.66 -23.93 3.62
C02 A1IKK E . -6.00 -24.41 4.23
C03 A1IKK E . -5.75 -25.21 5.51
C04 A1IKK E . -4.82 -24.46 6.53
C05 A1IKK E . -3.85 -23.53 6.04
C07 A1IKK E . -4.88 -24.68 7.92
C08 A1IKK E . -4.04 -24.01 8.84
C09 A1IKK E . -3.05 -23.08 8.36
C21 A1IKK E . -0.82 -18.20 4.35
C22 A1IKK E . -1.08 -19.45 4.12
C23 A1IKK E . -1.96 -20.27 3.12
C24 A1IKK E . -3.08 -21.02 3.81
C25 A1IKK E . -2.68 -22.46 4.05
C26 A1IKK E . 1.12 -16.95 5.38
C27 A1IKK E . 2.01 -16.71 6.52
C28 A1IKK E . 1.84 -17.46 7.69
C30 A1IKK E . 3.01 -14.53 5.79
C32 A1IKK E . 1.69 -14.11 5.13
C33 A1IKK E . 1.47 -14.90 3.84
C35 A1IKK E . 2.72 -14.81 2.86
N06 A1IKK E . -3.74 -23.29 4.64
N15 A1IKK E . -0.33 -19.85 9.50
N29 A1IKK E . 3.05 -15.77 6.44
N34 A1IKK E . 1.27 -16.29 4.13
O11 A1IKK E . -2.24 -22.41 9.21
O17 A1IKK E . 1.79 -19.19 9.82
O31 A1IKK E . 4.03 -13.87 5.72
#